data_3FRL
#
_entry.id   3FRL
#
_cell.length_a   126.725
_cell.length_b   126.725
_cell.length_c   95.996
_cell.angle_alpha   90.00
_cell.angle_beta   90.00
_cell.angle_gamma   120.00
#
_symmetry.space_group_name_H-M   'P 32 2 1'
#
loop_
_entity.id
_entity.type
_entity.pdbx_description
1 polymer LipL32
2 non-polymer "2,2',2''-NITRILOTRIETHANOL"
3 non-polymer 'OXALATE ION'
4 non-polymer 'CHLORIDE ION'
5 water water
#
_entity_poly.entity_id   1
_entity_poly.type   'polypeptide(L)'
_entity_poly.pdbx_seq_one_letter_code
;GAFGGLPSLKSSFVLSEDTIPGTNETVKTLLPYGSVINYYGYVKPGQAPDGLVDGNKKAYYLYVWIPAVIAE(MSE)GVR
(MSE)ISPTGEIGEPGDGDLVSDAFKAATPEEKS(MSE)PHWFDTWIRVER(MSE)SAI(MSE)PDQIAKAAKAKPVQKL
DDDDDGDDTYKEERHNKYNSLTRIKIPNPPKSFDDLKNIDTKKLLVRGLYRISFTTYKPGEVKGSFVASVGLLFPPGIPG
VSPLIHSNPEELQKQAIAAEESLKKAASDATK
;
_entity_poly.pdbx_strand_id   A,B
#
loop_
_chem_comp.id
_chem_comp.type
_chem_comp.name
_chem_comp.formula
211 non-polymer 2,2',2''-NITRILOTRIETHANOL 'C6 H15 N O3'
CL non-polymer 'CHLORIDE ION' 'Cl -1'
OXL non-polymer 'OXALATE ION' 'C2 O4 -2'
#
# COMPACT_ATOMS: atom_id res chain seq x y z
N GLY A 4 -5.25 -11.18 6.90
CA GLY A 4 -4.33 -11.51 5.76
C GLY A 4 -2.95 -10.90 5.86
N GLY A 5 -2.73 -10.01 6.82
CA GLY A 5 -1.41 -9.38 6.93
C GLY A 5 -1.08 -8.42 5.81
N LEU A 6 0.20 -8.11 5.74
CA LEU A 6 0.70 -6.99 5.00
C LEU A 6 1.19 -7.40 3.65
N PRO A 7 1.27 -6.42 2.74
CA PRO A 7 1.86 -6.66 1.45
C PRO A 7 3.30 -7.08 1.56
N SER A 8 3.69 -7.90 0.59
CA SER A 8 5.03 -8.37 0.46
C SER A 8 6.03 -7.20 0.36
N LEU A 9 7.09 -7.28 1.14
CA LEU A 9 8.11 -6.21 1.12
C LEU A 9 9.16 -6.49 0.05
N LYS A 10 9.24 -5.61 -0.94
N LYS A 10 9.24 -5.58 -0.91
CA LYS A 10 10.07 -5.83 -2.14
CA LYS A 10 10.05 -5.75 -2.15
C LYS A 10 11.39 -5.02 -2.15
C LYS A 10 11.41 -5.01 -2.13
N SER A 11 12.46 -5.69 -2.57
CA SER A 11 13.73 -5.03 -2.82
C SER A 11 13.72 -4.27 -4.15
N SER A 12 14.83 -3.61 -4.47
CA SER A 12 15.00 -2.89 -5.71
C SER A 12 15.42 -3.76 -6.86
N PHE A 13 15.87 -4.97 -6.58
CA PHE A 13 16.29 -5.88 -7.61
C PHE A 13 15.14 -6.43 -8.43
N VAL A 14 15.25 -6.25 -9.75
CA VAL A 14 14.23 -6.70 -10.68
C VAL A 14 14.44 -8.16 -10.97
N LEU A 15 13.49 -8.97 -10.53
CA LEU A 15 13.52 -10.40 -10.75
C LEU A 15 13.14 -10.72 -12.21
N SER A 16 12.09 -10.05 -12.68
CA SER A 16 11.45 -10.37 -13.95
C SER A 16 10.97 -9.12 -14.67
N GLU A 17 10.84 -9.23 -16.00
CA GLU A 17 10.44 -8.11 -16.85
C GLU A 17 9.61 -8.58 -18.04
N ASP A 18 8.42 -8.00 -18.24
CA ASP A 18 7.60 -8.35 -19.40
C ASP A 18 6.35 -7.49 -19.66
N THR A 19 5.98 -7.44 -20.96
CA THR A 19 4.62 -7.10 -21.46
C THR A 19 3.63 -6.34 -20.50
N THR A 26 5.18 -2.77 -20.63
CA THR A 26 6.12 -3.44 -19.72
C THR A 26 5.85 -3.18 -18.25
N VAL A 27 5.96 -4.23 -17.42
CA VAL A 27 5.92 -4.06 -15.96
C VAL A 27 6.87 -5.07 -15.28
N LYS A 28 7.56 -4.64 -14.24
CA LYS A 28 8.68 -5.41 -13.69
C LYS A 28 8.39 -6.01 -12.32
N THR A 29 8.94 -7.20 -12.12
CA THR A 29 8.69 -7.97 -10.92
C THR A 29 9.91 -7.95 -10.02
N LEU A 30 9.69 -7.46 -8.81
CA LEU A 30 10.75 -7.22 -7.86
C LEU A 30 11.04 -8.44 -6.97
N LEU A 31 12.33 -8.60 -6.67
CA LEU A 31 12.77 -9.60 -5.72
C LEU A 31 12.38 -9.17 -4.30
N PRO A 32 11.62 -10.02 -3.56
CA PRO A 32 11.37 -9.72 -2.14
C PRO A 32 12.61 -9.80 -1.27
N TYR A 33 12.59 -9.07 -0.16
CA TYR A 33 13.60 -9.21 0.85
C TYR A 33 13.47 -10.61 1.46
N GLY A 34 14.61 -11.24 1.71
CA GLY A 34 14.60 -12.56 2.34
C GLY A 34 14.38 -12.54 3.85
N SER A 35 14.81 -11.50 4.54
CA SER A 35 14.68 -11.46 5.99
C SER A 35 13.89 -10.23 6.35
N VAL A 36 12.65 -10.46 6.76
CA VAL A 36 11.72 -9.37 7.04
C VAL A 36 11.16 -9.44 8.46
N ILE A 37 11.13 -8.30 9.16
CA ILE A 37 10.45 -8.16 10.43
C ILE A 37 9.51 -6.97 10.37
N ASN A 38 8.30 -7.22 10.88
CA ASN A 38 7.26 -6.21 10.96
C ASN A 38 7.10 -5.83 12.41
N TYR A 39 7.33 -4.58 12.71
CA TYR A 39 7.28 -4.00 14.07
C TYR A 39 6.06 -3.17 14.23
N TYR A 40 5.12 -3.74 14.97
CA TYR A 40 3.87 -3.13 15.28
C TYR A 40 4.05 -2.33 16.56
N GLY A 41 3.72 -1.06 16.47
CA GLY A 41 3.96 -0.11 17.53
C GLY A 41 2.76 0.80 17.67
N TYR A 42 2.84 1.65 18.69
CA TYR A 42 1.74 2.55 19.03
C TYR A 42 2.30 3.79 19.72
N VAL A 43 2.14 4.95 19.09
CA VAL A 43 2.63 6.23 19.63
C VAL A 43 1.48 6.84 20.41
N LYS A 44 1.67 6.95 21.73
CA LYS A 44 0.64 7.47 22.61
C LYS A 44 0.38 8.96 22.37
N PRO A 45 -0.88 9.37 22.45
CA PRO A 45 -1.25 10.80 22.35
C PRO A 45 -0.33 11.73 23.12
N GLY A 46 0.10 12.76 22.42
CA GLY A 46 1.00 13.77 22.93
C GLY A 46 2.44 13.33 23.20
N GLN A 47 2.84 12.13 22.78
CA GLN A 47 4.11 11.56 23.27
C GLN A 47 5.28 12.46 22.91
N ALA A 48 6.21 12.67 23.82
CA ALA A 48 7.32 13.60 23.56
C ALA A 48 8.15 13.07 22.38
N PRO A 49 8.57 13.97 21.50
CA PRO A 49 9.39 13.55 20.40
C PRO A 49 10.76 13.02 20.86
N ASP A 50 11.28 12.05 20.15
CA ASP A 50 12.64 11.64 20.33
C ASP A 50 13.59 12.70 19.79
N GLY A 51 13.15 13.43 18.75
CA GLY A 51 13.85 14.60 18.28
C GLY A 51 13.00 15.41 17.35
N LEU A 52 13.62 16.46 16.84
CA LEU A 52 12.98 17.39 15.97
C LEU A 52 13.49 17.28 14.56
N VAL A 53 12.60 17.52 13.58
CA VAL A 53 12.89 17.53 12.16
C VAL A 53 12.26 18.75 11.52
N ASP A 54 13.03 19.37 10.60
CA ASP A 54 12.58 20.51 9.74
C ASP A 54 12.20 21.78 10.54
N GLY A 55 12.61 21.84 11.79
CA GLY A 55 12.35 22.96 12.66
C GLY A 55 10.98 22.99 13.24
N ASN A 56 10.12 22.07 12.83
CA ASN A 56 8.73 22.07 13.31
C ASN A 56 8.00 20.74 13.32
N LYS A 57 8.73 19.63 13.34
CA LYS A 57 8.11 18.29 13.30
C LYS A 57 8.71 17.41 14.38
N LYS A 58 7.81 16.69 15.03
CA LYS A 58 8.13 15.74 16.06
C LYS A 58 8.49 14.42 15.39
N ALA A 59 9.70 13.96 15.64
CA ALA A 59 10.23 12.71 15.12
C ALA A 59 10.37 11.64 16.22
N TYR A 60 10.18 10.41 15.79
CA TYR A 60 10.25 9.24 16.65
C TYR A 60 11.25 8.24 16.06
N TYR A 61 11.99 7.59 16.95
CA TYR A 61 13.15 6.73 16.62
C TYR A 61 12.87 5.24 16.85
N LEU A 62 13.33 4.44 15.87
CA LEU A 62 13.35 2.98 15.91
C LEU A 62 14.75 2.53 15.59
N TYR A 63 15.29 1.63 16.42
CA TYR A 63 16.69 1.17 16.28
C TYR A 63 16.76 -0.25 15.74
N VAL A 64 17.60 -0.41 14.72
CA VAL A 64 17.80 -1.65 14.04
C VAL A 64 19.28 -2.07 14.19
N TRP A 65 19.48 -3.30 14.65
CA TRP A 65 20.77 -3.93 14.68
C TRP A 65 20.95 -4.99 13.56
N ILE A 66 21.99 -4.81 12.76
CA ILE A 66 22.34 -5.64 11.62
C ILE A 66 23.77 -6.13 11.90
N PRO A 67 23.94 -7.40 12.29
CA PRO A 67 25.20 -8.05 12.64
C PRO A 67 26.12 -8.28 11.46
N ALA A 68 25.60 -8.50 10.26
CA ALA A 68 26.56 -8.72 9.19
C ALA A 68 26.22 -7.92 7.96
N VAL A 69 27.16 -7.89 7.03
CA VAL A 69 26.99 -7.16 5.79
C VAL A 69 25.79 -7.66 5.01
N ILE A 70 25.10 -6.72 4.39
CA ILE A 70 23.87 -6.97 3.67
C ILE A 70 23.98 -6.27 2.33
N ALA A 71 23.15 -6.68 1.38
CA ALA A 71 23.11 -6.05 0.08
C ALA A 71 22.10 -4.89 0.03
N GLU A 72 21.12 -4.87 0.91
CA GLU A 72 20.06 -3.84 0.87
C GLU A 72 19.24 -3.91 2.12
N MSE A 73 18.75 -2.76 2.55
CA MSE A 73 17.69 -2.70 3.54
C MSE A 73 16.51 -1.85 3.05
O MSE A 73 16.71 -0.80 2.51
CB MSE A 73 18.22 -2.17 4.86
CG MSE A 73 17.14 -1.86 5.93
SE MSE A 73 17.93 -1.20 7.60
CE MSE A 73 18.26 0.57 7.25
N GLY A 74 15.30 -2.34 3.28
CA GLY A 74 14.06 -1.58 3.04
C GLY A 74 13.25 -1.34 4.30
N VAL A 75 12.67 -0.14 4.39
CA VAL A 75 11.85 0.30 5.49
C VAL A 75 10.55 0.86 4.89
N ARG A 76 9.45 0.28 5.32
CA ARG A 76 8.10 0.72 4.96
C ARG A 76 7.38 1.04 6.23
N MSE A 77 6.67 2.16 6.22
CA MSE A 77 5.86 2.58 7.36
C MSE A 77 4.39 2.54 6.94
O MSE A 77 4.03 3.15 5.95
CB MSE A 77 6.23 4.02 7.73
CG MSE A 77 5.32 4.62 8.79
SE MSE A 77 5.49 3.66 10.49
CE MSE A 77 7.37 4.09 10.92
N ILE A 78 3.55 1.82 7.70
CA ILE A 78 2.11 1.81 7.45
C ILE A 78 1.37 2.22 8.69
N SER A 79 0.33 3.03 8.51
CA SER A 79 -0.52 3.43 9.63
C SER A 79 -1.87 3.87 9.14
N PRO A 80 -2.89 3.62 9.97
CA PRO A 80 -2.94 2.81 11.17
C PRO A 80 -2.97 1.31 10.78
N THR A 81 -3.03 0.44 11.78
CA THR A 81 -3.00 -1.01 11.51
C THR A 81 -4.35 -1.70 11.68
N GLY A 82 -5.22 -1.13 12.52
CA GLY A 82 -6.28 -1.88 13.10
C GLY A 82 -5.79 -3.06 13.93
N GLU A 83 -6.73 -3.95 14.23
CA GLU A 83 -6.45 -5.21 14.90
C GLU A 83 -5.74 -6.09 13.94
N ILE A 84 -4.83 -6.91 14.45
CA ILE A 84 -4.10 -7.76 13.54
C ILE A 84 -4.26 -9.27 13.74
N GLY A 85 -4.97 -9.72 14.77
CA GLY A 85 -5.03 -11.17 14.97
C GLY A 85 -3.73 -11.71 15.51
N GLU A 86 -3.50 -13.02 15.34
CA GLU A 86 -2.36 -13.67 15.99
C GLU A 86 -1.10 -13.24 15.29
N PRO A 87 -0.13 -12.63 16.01
CA PRO A 87 1.11 -12.24 15.30
C PRO A 87 1.84 -13.44 14.64
N GLY A 88 2.36 -13.21 13.45
CA GLY A 88 3.02 -14.26 12.70
C GLY A 88 4.48 -14.36 13.04
N ASP A 89 5.15 -15.27 12.37
CA ASP A 89 6.50 -15.68 12.74
C ASP A 89 7.56 -14.61 12.54
N GLY A 90 7.27 -13.54 11.77
CA GLY A 90 8.14 -12.38 11.67
C GLY A 90 7.59 -11.06 12.22
N ASP A 91 6.68 -11.14 13.19
CA ASP A 91 6.03 -9.93 13.76
C ASP A 91 6.49 -9.66 15.19
N LEU A 92 6.94 -8.44 15.40
CA LEU A 92 7.21 -7.93 16.73
C LEU A 92 6.08 -7.01 17.08
N VAL A 93 5.62 -7.09 18.31
CA VAL A 93 4.46 -6.31 18.73
C VAL A 93 4.76 -5.68 20.05
N SER A 94 4.64 -4.35 20.12
CA SER A 94 5.11 -3.71 21.34
C SER A 94 4.05 -3.80 22.41
N ASP A 95 4.47 -3.57 23.64
CA ASP A 95 3.57 -3.56 24.78
C ASP A 95 2.54 -2.44 24.62
N ALA A 96 2.99 -1.29 24.13
CA ALA A 96 2.08 -0.15 23.93
C ALA A 96 0.99 -0.58 22.94
N PHE A 97 1.41 -1.22 21.83
CA PHE A 97 0.46 -1.71 20.85
C PHE A 97 -0.51 -2.68 21.52
N LYS A 98 0.00 -3.60 22.35
CA LYS A 98 -0.86 -4.59 23.00
C LYS A 98 -1.85 -3.98 23.99
N ALA A 99 -1.45 -2.89 24.64
CA ALA A 99 -2.30 -2.20 25.60
C ALA A 99 -3.32 -1.27 24.95
N ALA A 100 -3.17 -0.99 23.66
CA ALA A 100 -4.07 -0.09 22.92
C ALA A 100 -5.36 -0.82 22.58
N THR A 101 -6.50 -0.12 22.63
CA THR A 101 -7.78 -0.72 22.27
C THR A 101 -7.89 -0.86 20.75
N PRO A 102 -8.80 -1.73 20.29
CA PRO A 102 -9.09 -1.88 18.88
C PRO A 102 -9.53 -0.58 18.20
N GLU A 103 -10.35 0.20 18.91
CA GLU A 103 -10.82 1.47 18.41
C GLU A 103 -9.60 2.37 18.25
N GLU A 104 -8.70 2.31 19.23
CA GLU A 104 -7.50 3.14 19.22
C GLU A 104 -6.56 2.81 18.05
N LYS A 105 -6.48 1.52 17.72
CA LYS A 105 -5.62 1.03 16.66
C LYS A 105 -6.23 1.20 15.27
N SER A 106 -7.52 1.46 15.23
CA SER A 106 -8.26 1.62 14.01
C SER A 106 -8.43 3.10 13.57
N MSE A 107 -8.11 4.05 14.43
CA MSE A 107 -8.13 5.49 14.10
C MSE A 107 -6.88 5.92 13.27
O MSE A 107 -5.74 5.77 13.68
CB MSE A 107 -8.18 6.27 15.42
CG MSE A 107 -8.29 7.78 15.36
SE MSE A 107 -9.91 8.28 14.52
CE MSE A 107 -9.22 9.75 13.40
N PRO A 108 -7.10 6.46 12.07
CA PRO A 108 -5.94 7.00 11.35
C PRO A 108 -5.57 8.42 11.86
N HIS A 109 -4.30 8.80 11.72
CA HIS A 109 -3.75 10.09 12.25
C HIS A 109 -2.79 10.76 11.28
N TRP A 110 -2.08 9.99 10.47
CA TRP A 110 -1.21 10.54 9.45
C TRP A 110 -1.10 9.62 8.26
N PHE A 111 -0.73 10.17 7.09
CA PHE A 111 -0.57 9.29 5.90
C PHE A 111 0.75 9.41 5.13
N ASP A 112 1.43 10.54 5.25
CA ASP A 112 2.71 10.74 4.57
C ASP A 112 3.85 10.78 5.57
N THR A 113 4.69 9.76 5.52
CA THR A 113 5.85 9.69 6.37
C THR A 113 7.14 10.15 5.72
N TRP A 114 7.83 11.03 6.43
CA TRP A 114 9.21 11.42 6.18
C TRP A 114 10.08 10.47 7.01
N ILE A 115 10.98 9.73 6.33
CA ILE A 115 11.86 8.79 6.97
C ILE A 115 13.34 9.17 6.77
N ARG A 116 14.14 9.10 7.82
CA ARG A 116 15.60 9.07 7.68
C ARG A 116 16.14 7.80 8.27
N VAL A 117 17.17 7.25 7.66
CA VAL A 117 17.95 6.15 8.24
C VAL A 117 19.37 6.64 8.37
N GLU A 118 19.82 6.68 9.62
CA GLU A 118 21.17 7.09 9.97
C GLU A 118 21.90 6.01 10.73
N ARG A 119 23.12 5.71 10.28
CA ARG A 119 23.99 4.78 10.96
C ARG A 119 24.59 5.46 12.20
N MSE A 120 24.63 4.71 13.29
CA MSE A 120 25.16 5.17 14.55
C MSE A 120 26.54 4.55 14.76
O MSE A 120 26.91 3.55 14.13
CB MSE A 120 24.21 4.79 15.70
CG MSE A 120 22.73 5.14 15.52
SE MSE A 120 22.46 7.04 15.16
CE MSE A 120 22.42 7.78 16.95
N SER A 121 27.31 5.17 15.67
CA SER A 121 28.72 4.80 15.85
C SER A 121 28.81 3.73 16.90
N ALA A 122 28.48 2.51 16.53
CA ALA A 122 28.48 1.34 17.41
C ALA A 122 29.00 0.16 16.60
N ILE A 123 30.24 -0.24 16.87
CA ILE A 123 30.86 -1.34 16.13
C ILE A 123 30.51 -2.70 16.73
N MSE A 124 29.97 -2.69 17.95
CA MSE A 124 29.63 -3.95 18.61
CA MSE A 124 29.75 -3.90 18.74
C MSE A 124 28.38 -3.78 19.46
O MSE A 124 27.96 -2.67 19.76
CB MSE A 124 30.82 -4.49 19.43
CB MSE A 124 30.93 -4.07 19.73
CG MSE A 124 31.98 -5.10 18.61
CG MSE A 124 31.37 -2.79 20.49
SE MSE A 124 31.88 -6.96 17.89
SE MSE A 124 33.11 -2.76 21.47
CE MSE A 124 32.33 -6.60 16.02
CE MSE A 124 32.99 -4.51 22.32
N PRO A 125 27.69 -4.90 19.74
CA PRO A 125 26.45 -4.85 20.50
C PRO A 125 26.47 -4.02 21.78
N ASP A 126 27.52 -4.17 22.57
CA ASP A 126 27.62 -3.49 23.87
C ASP A 126 27.96 -2.01 23.74
N GLN A 127 28.04 -1.50 22.51
CA GLN A 127 28.11 -0.06 22.27
C GLN A 127 26.72 0.52 21.99
N ILE A 128 25.71 -0.33 21.78
CA ILE A 128 24.44 0.12 21.16
C ILE A 128 23.73 1.22 21.97
N ALA A 129 23.65 1.01 23.27
CA ALA A 129 22.84 1.87 24.13
C ALA A 129 23.48 3.24 24.21
N LYS A 130 24.80 3.24 24.34
CA LYS A 130 25.54 4.48 24.43
C LYS A 130 25.58 5.17 23.07
N ALA A 131 25.77 4.41 21.99
CA ALA A 131 25.76 4.96 20.60
C ALA A 131 24.46 5.66 20.23
N ALA A 132 23.35 5.13 20.72
CA ALA A 132 22.04 5.73 20.49
C ALA A 132 22.01 7.13 21.08
N LYS A 133 22.69 7.36 22.19
CA LYS A 133 22.81 8.69 22.78
C LYS A 133 23.79 9.67 22.08
N ALA A 134 24.72 9.15 21.28
CA ALA A 134 25.72 9.98 20.58
C ALA A 134 25.14 10.42 19.25
N LYS A 135 25.77 11.38 18.58
CA LYS A 135 25.39 11.74 17.20
C LYS A 135 25.54 10.56 16.25
N PRO A 136 24.78 10.54 15.15
CA PRO A 136 25.05 9.61 14.03
C PRO A 136 26.45 9.74 13.45
N VAL A 137 26.92 8.68 12.82
CA VAL A 137 28.15 8.72 12.05
C VAL A 137 28.10 9.90 11.04
N GLN A 138 29.25 10.55 10.89
N GLN A 138 29.19 10.63 10.87
CA GLN A 138 29.43 11.70 9.98
CA GLN A 138 29.04 11.87 10.14
C GLN A 138 29.16 11.36 8.51
C GLN A 138 29.24 11.76 8.62
N LYS A 139 28.10 11.95 7.93
CA LYS A 139 27.95 11.94 6.47
C LYS A 139 28.58 13.18 5.82
N ASP A 144 31.70 10.03 -1.86
CA ASP A 144 30.65 10.26 -0.87
C ASP A 144 30.44 9.03 -0.01
N ASP A 145 30.12 9.27 1.27
CA ASP A 145 29.50 8.25 2.09
C ASP A 145 28.10 8.01 1.47
N GLY A 146 27.67 6.76 1.39
CA GLY A 146 26.41 6.40 0.73
C GLY A 146 25.25 6.17 1.68
N ASP A 147 24.30 5.36 1.21
CA ASP A 147 23.04 5.14 1.90
C ASP A 147 23.20 4.54 3.29
N ASP A 148 24.23 3.72 3.48
CA ASP A 148 24.45 3.07 4.79
C ASP A 148 25.16 3.94 5.84
N THR A 149 25.25 5.24 5.60
CA THR A 149 25.57 6.21 6.66
C THR A 149 24.36 7.14 6.86
N TYR A 150 23.84 7.65 5.75
CA TYR A 150 22.70 8.56 5.76
C TYR A 150 21.77 8.33 4.56
N LYS A 151 20.47 8.23 4.84
CA LYS A 151 19.47 8.13 3.80
C LYS A 151 18.18 8.79 4.25
N GLU A 152 17.57 9.54 3.35
CA GLU A 152 16.32 10.19 3.64
C GLU A 152 15.34 10.11 2.47
N GLU A 153 14.07 9.85 2.79
CA GLU A 153 12.98 9.99 1.82
C GLU A 153 11.92 10.80 2.49
N ARG A 154 11.67 12.00 1.99
CA ARG A 154 10.80 12.95 2.67
C ARG A 154 9.31 12.63 2.53
N HIS A 155 8.99 11.83 1.54
CA HIS A 155 7.61 11.40 1.28
C HIS A 155 7.50 9.90 1.07
N ASN A 156 6.65 9.26 1.87
CA ASN A 156 6.37 7.84 1.81
C ASN A 156 4.88 7.69 2.04
N LYS A 157 4.17 7.50 0.94
CA LYS A 157 2.71 7.35 0.93
C LYS A 157 2.35 6.03 0.26
N TYR A 158 1.14 5.54 0.56
CA TYR A 158 0.57 4.36 -0.10
C TYR A 158 1.55 3.16 -0.10
N ASN A 159 2.26 2.95 1.00
CA ASN A 159 3.04 1.72 1.24
C ASN A 159 4.37 1.69 0.45
N SER A 160 4.83 2.87 0.03
CA SER A 160 6.15 3.01 -0.55
C SER A 160 7.28 2.81 0.47
N LEU A 161 8.49 2.57 0.00
CA LEU A 161 9.60 2.20 0.87
C LEU A 161 10.68 3.22 0.82
N THR A 162 11.45 3.31 1.89
CA THR A 162 12.76 3.95 1.89
C THR A 162 13.75 2.79 1.87
N ARG A 163 14.64 2.81 0.89
CA ARG A 163 15.67 1.79 0.76
C ARG A 163 17.09 2.35 0.96
N ILE A 164 17.91 1.57 1.66
CA ILE A 164 19.33 1.74 1.73
C ILE A 164 19.95 0.78 0.72
N LYS A 165 20.57 1.34 -0.31
CA LYS A 165 21.07 0.54 -1.41
C LYS A 165 22.58 0.65 -1.52
N ILE A 166 23.16 -0.36 -2.15
CA ILE A 166 24.56 -0.25 -2.50
C ILE A 166 24.67 0.66 -3.72
N PRO A 167 25.81 1.33 -3.87
CA PRO A 167 26.02 2.14 -5.06
C PRO A 167 26.32 1.26 -6.29
N ASN A 168 25.90 1.70 -7.47
CA ASN A 168 26.26 0.97 -8.69
C ASN A 168 26.01 -0.53 -8.57
N PRO A 169 24.76 -0.91 -8.27
CA PRO A 169 24.35 -2.30 -8.15
C PRO A 169 24.22 -2.97 -9.51
N PRO A 170 24.42 -4.29 -9.59
CA PRO A 170 24.24 -4.93 -10.89
C PRO A 170 22.74 -5.05 -11.17
N LYS A 171 22.37 -5.17 -12.45
CA LYS A 171 20.94 -5.33 -12.78
C LYS A 171 20.44 -6.62 -12.15
N SER A 172 21.23 -7.68 -12.31
CA SER A 172 20.91 -9.00 -11.81
C SER A 172 21.44 -9.23 -10.39
N PHE A 173 20.51 -9.42 -9.47
CA PHE A 173 20.78 -9.86 -8.11
C PHE A 173 21.79 -11.02 -7.97
N ASP A 174 21.75 -12.00 -8.89
CA ASP A 174 22.70 -13.11 -8.82
C ASP A 174 24.13 -12.62 -8.92
N ASP A 175 24.36 -11.53 -9.67
CA ASP A 175 25.70 -10.91 -9.75
C ASP A 175 26.23 -10.37 -8.41
N LEU A 176 25.36 -10.22 -7.40
CA LEU A 176 25.84 -9.85 -6.06
C LEU A 176 26.79 -10.88 -5.46
N LYS A 177 26.72 -12.13 -5.94
CA LYS A 177 27.57 -13.21 -5.40
C LYS A 177 29.05 -12.90 -5.65
N ASN A 178 29.30 -12.05 -6.64
CA ASN A 178 30.63 -11.70 -7.09
C ASN A 178 31.05 -10.33 -6.63
N ILE A 179 30.29 -9.74 -5.71
CA ILE A 179 30.59 -8.38 -5.29
C ILE A 179 31.71 -8.32 -4.24
N ASP A 180 32.51 -7.26 -4.33
CA ASP A 180 33.48 -6.92 -3.30
C ASP A 180 32.71 -6.46 -2.05
N THR A 181 33.19 -6.97 -0.95
CA THR A 181 32.66 -6.83 0.39
C THR A 181 32.58 -5.38 0.79
N LYS A 182 33.54 -4.59 0.32
CA LYS A 182 33.63 -3.19 0.63
C LYS A 182 32.50 -2.44 0.00
N LYS A 183 31.90 -2.97 -1.06
CA LYS A 183 30.73 -2.35 -1.64
C LYS A 183 29.44 -2.68 -0.82
N LEU A 184 29.39 -3.83 -0.17
CA LEU A 184 28.21 -4.17 0.62
C LEU A 184 27.97 -3.21 1.79
N LEU A 185 26.71 -3.12 2.21
CA LEU A 185 26.35 -2.29 3.37
C LEU A 185 26.85 -2.88 4.68
N VAL A 186 27.44 -2.03 5.51
CA VAL A 186 28.11 -2.49 6.72
C VAL A 186 27.15 -2.90 7.83
N ARG A 187 27.59 -3.89 8.61
CA ARG A 187 27.03 -4.25 9.91
C ARG A 187 26.94 -3.02 10.81
N GLY A 188 25.89 -2.96 11.64
CA GLY A 188 25.85 -1.92 12.66
C GLY A 188 24.49 -1.57 13.16
N LEU A 189 24.46 -0.42 13.84
CA LEU A 189 23.27 0.11 14.43
C LEU A 189 22.72 1.23 13.56
N TYR A 190 21.47 1.08 13.14
CA TYR A 190 20.81 2.01 12.23
C TYR A 190 19.62 2.59 12.96
N ARG A 191 19.51 3.91 12.93
CA ARG A 191 18.35 4.59 13.50
C ARG A 191 17.40 5.06 12.38
N ILE A 192 16.16 4.62 12.51
CA ILE A 192 15.07 5.02 11.67
C ILE A 192 14.33 6.16 12.38
N SER A 193 14.30 7.34 11.73
CA SER A 193 13.49 8.49 12.16
C SER A 193 12.28 8.58 11.31
N PHE A 194 11.15 8.79 11.96
CA PHE A 194 9.93 9.02 11.25
C PHE A 194 9.11 10.15 11.83
N THR A 195 8.61 10.98 10.90
CA THR A 195 7.75 12.10 11.23
C THR A 195 6.77 12.31 10.08
N THR A 196 5.99 13.38 10.19
CA THR A 196 4.96 13.68 9.23
C THR A 196 4.72 15.19 9.08
N TYR A 197 3.85 15.54 8.13
CA TYR A 197 3.42 16.90 7.79
C TYR A 197 2.06 17.16 8.40
N LYS A 198 1.82 18.38 8.88
CA LYS A 198 0.48 18.83 9.27
C LYS A 198 -0.38 18.76 8.00
N PRO A 199 -1.69 18.50 8.12
CA PRO A 199 -2.44 18.36 9.37
C PRO A 199 -2.30 17.01 10.07
N GLY A 200 -1.62 16.04 9.47
CA GLY A 200 -1.44 14.79 10.16
C GLY A 200 -0.55 14.94 11.39
N GLU A 201 -0.55 13.88 12.19
CA GLU A 201 0.36 13.79 13.29
C GLU A 201 0.74 12.36 13.58
N VAL A 202 1.96 12.21 14.09
CA VAL A 202 2.46 10.89 14.47
C VAL A 202 1.81 10.48 15.77
N LYS A 203 0.86 9.58 15.63
CA LYS A 203 -0.02 9.23 16.68
C LYS A 203 -0.63 7.88 16.31
N GLY A 204 -0.79 7.03 17.30
CA GLY A 204 -1.61 5.82 17.18
C GLY A 204 -0.80 4.66 16.69
N SER A 205 -1.49 3.69 16.11
CA SER A 205 -0.88 2.45 15.58
C SER A 205 -0.08 2.63 14.27
N PHE A 206 0.94 1.79 14.12
CA PHE A 206 1.77 1.79 12.91
C PHE A 206 2.49 0.45 12.89
N VAL A 207 2.92 0.05 11.71
CA VAL A 207 3.78 -1.11 11.53
C VAL A 207 4.90 -0.66 10.62
N ALA A 208 6.12 -0.84 11.10
CA ALA A 208 7.34 -0.52 10.34
C ALA A 208 7.88 -1.87 9.83
N SER A 209 7.98 -2.05 8.52
CA SER A 209 8.49 -3.31 7.99
C SER A 209 9.90 -3.09 7.54
N VAL A 210 10.81 -3.88 8.15
CA VAL A 210 12.23 -3.77 7.87
C VAL A 210 12.64 -5.08 7.17
N GLY A 211 13.14 -4.94 5.93
CA GLY A 211 13.57 -6.10 5.12
C GLY A 211 15.07 -6.02 4.85
N LEU A 212 15.75 -7.17 4.93
CA LEU A 212 17.11 -7.29 4.53
C LEU A 212 17.26 -8.17 3.29
N LEU A 213 18.14 -7.79 2.39
CA LEU A 213 18.56 -8.61 1.26
C LEU A 213 20.01 -9.01 1.50
N PHE A 214 20.26 -10.30 1.59
CA PHE A 214 21.60 -10.83 1.68
C PHE A 214 22.03 -11.28 0.32
N PRO A 215 23.35 -11.25 0.06
CA PRO A 215 23.81 -11.79 -1.20
C PRO A 215 23.51 -13.28 -1.30
N PRO A 216 23.31 -13.77 -2.53
CA PRO A 216 22.91 -15.16 -2.66
C PRO A 216 24.01 -16.11 -2.15
N GLY A 217 23.58 -17.17 -1.49
CA GLY A 217 24.49 -18.10 -0.80
C GLY A 217 24.67 -17.73 0.66
N ILE A 218 24.25 -16.52 1.04
CA ILE A 218 24.43 -16.07 2.40
C ILE A 218 23.11 -16.16 3.12
N PRO A 219 23.03 -17.05 4.12
CA PRO A 219 21.77 -17.21 4.85
C PRO A 219 21.39 -15.92 5.57
N GLY A 220 20.13 -15.56 5.48
CA GLY A 220 19.67 -14.39 6.16
C GLY A 220 19.70 -14.55 7.67
N VAL A 221 19.89 -13.42 8.34
CA VAL A 221 19.69 -13.32 9.75
C VAL A 221 18.69 -12.18 9.88
N SER A 222 17.69 -12.36 10.72
CA SER A 222 16.67 -11.37 10.94
C SER A 222 17.22 -10.12 11.64
N PRO A 223 16.73 -8.96 11.22
CA PRO A 223 17.10 -7.75 11.92
C PRO A 223 16.54 -7.74 13.34
N LEU A 224 17.31 -7.24 14.27
CA LEU A 224 16.83 -6.97 15.63
C LEU A 224 16.38 -5.51 15.69
N ILE A 225 15.19 -5.28 16.24
CA ILE A 225 14.54 -3.97 16.20
C ILE A 225 13.87 -3.63 17.55
N HIS A 226 14.05 -2.40 18.02
CA HIS A 226 13.42 -1.94 19.22
C HIS A 226 13.46 -0.42 19.28
N SER A 227 12.49 0.17 19.97
CA SER A 227 12.48 1.63 20.17
C SER A 227 13.38 2.00 21.35
N ASN A 228 13.66 1.04 22.22
CA ASN A 228 14.49 1.23 23.41
C ASN A 228 15.84 0.70 23.10
N PRO A 229 16.84 1.60 22.96
CA PRO A 229 18.21 1.15 22.66
C PRO A 229 18.81 0.19 23.71
N GLU A 230 18.45 0.32 24.98
CA GLU A 230 19.01 -0.57 26.05
C GLU A 230 18.54 -2.00 25.85
N GLU A 231 17.28 -2.12 25.48
CA GLU A 231 16.64 -3.38 25.14
C GLU A 231 17.23 -4.01 23.88
N LEU A 232 17.42 -3.19 22.86
CA LEU A 232 18.12 -3.66 21.67
C LEU A 232 19.52 -4.17 22.02
N GLN A 233 20.22 -3.44 22.89
CA GLN A 233 21.58 -3.81 23.29
C GLN A 233 21.59 -5.16 23.97
N LYS A 234 20.62 -5.39 24.87
CA LYS A 234 20.50 -6.70 25.52
C LYS A 234 20.34 -7.81 24.49
N GLN A 235 19.58 -7.56 23.44
CA GLN A 235 19.34 -8.63 22.49
C GLN A 235 20.55 -8.83 21.60
N ALA A 236 21.17 -7.74 21.15
CA ALA A 236 22.29 -7.85 20.25
C ALA A 236 23.40 -8.63 20.95
N ILE A 237 23.58 -8.32 22.24
CA ILE A 237 24.61 -8.95 23.09
C ILE A 237 24.36 -10.44 23.24
N ALA A 238 23.11 -10.81 23.54
CA ALA A 238 22.72 -12.21 23.68
C ALA A 238 22.99 -12.93 22.36
N ALA A 239 22.58 -12.36 21.25
CA ALA A 239 22.80 -13.00 19.94
C ALA A 239 24.30 -13.29 19.62
N GLU A 240 25.16 -12.34 19.99
CA GLU A 240 26.58 -12.37 19.65
C GLU A 240 27.40 -13.38 20.48
N GLU A 241 27.22 -13.33 21.79
CA GLU A 241 27.95 -14.23 22.68
C GLU A 241 27.45 -15.67 22.43
N SER A 242 26.21 -15.77 21.94
CA SER A 242 25.60 -17.05 21.60
C SER A 242 26.37 -17.74 20.47
N LEU A 243 26.84 -16.95 19.49
CA LEU A 243 27.60 -17.47 18.36
C LEU A 243 29.07 -17.75 18.74
N LYS A 244 29.41 -17.51 20.00
CA LYS A 244 30.70 -17.91 20.61
C LYS A 244 31.78 -16.90 20.24
N GLY B 5 3.18 8.91 -8.19
CA GLY B 5 1.86 8.25 -8.52
C GLY B 5 1.40 7.12 -7.58
N LEU B 6 0.27 6.51 -7.90
CA LEU B 6 -0.30 5.43 -7.08
C LEU B 6 0.29 4.07 -7.47
N PRO B 7 0.22 3.08 -6.56
CA PRO B 7 0.68 1.74 -6.91
C PRO B 7 -0.07 1.16 -8.09
N SER B 8 0.63 0.38 -8.89
CA SER B 8 0.03 -0.33 -10.00
C SER B 8 -1.15 -1.22 -9.54
N LEU B 9 -2.19 -1.22 -10.36
CA LEU B 9 -3.45 -1.93 -10.06
C LEU B 9 -3.48 -3.27 -10.80
N LYS B 10 -3.59 -4.33 -10.01
CA LYS B 10 -3.35 -5.69 -10.52
C LYS B 10 -4.60 -6.56 -10.42
N SER B 11 -4.89 -7.21 -11.53
CA SER B 11 -5.89 -8.26 -11.61
C SER B 11 -5.49 -9.50 -10.81
N SER B 12 -6.34 -10.52 -10.84
CA SER B 12 -6.14 -11.78 -10.11
C SER B 12 -5.35 -12.78 -10.92
N PHE B 13 -5.01 -12.44 -12.16
CA PHE B 13 -4.31 -13.39 -12.99
C PHE B 13 -2.81 -13.30 -12.78
N VAL B 14 -2.18 -14.46 -12.82
CA VAL B 14 -0.75 -14.62 -12.58
C VAL B 14 -0.05 -14.71 -13.92
N LEU B 15 0.87 -13.76 -14.18
CA LEU B 15 1.66 -13.74 -15.41
C LEU B 15 2.84 -14.72 -15.32
N SER B 16 3.65 -14.53 -14.27
CA SER B 16 4.85 -15.36 -14.01
C SER B 16 4.81 -15.99 -12.61
N GLU B 17 5.52 -17.12 -12.46
CA GLU B 17 5.59 -17.85 -11.20
C GLU B 17 7.04 -18.29 -10.94
N ASP B 18 7.88 -17.31 -10.57
CA ASP B 18 9.31 -17.55 -10.34
C ASP B 18 9.56 -17.95 -8.89
N THR B 19 10.12 -19.15 -8.71
CA THR B 19 10.36 -19.70 -7.38
C THR B 19 11.71 -19.19 -6.88
N ILE B 20 11.69 -18.36 -5.84
CA ILE B 20 12.87 -17.57 -5.45
C ILE B 20 14.01 -18.41 -4.86
N PRO B 21 15.27 -18.08 -5.23
CA PRO B 21 16.47 -18.89 -5.01
C PRO B 21 16.49 -19.70 -3.70
N GLY B 22 16.12 -20.99 -3.79
CA GLY B 22 16.27 -21.95 -2.68
C GLY B 22 15.08 -22.09 -1.74
N THR B 23 14.45 -20.95 -1.42
CA THR B 23 13.35 -20.90 -0.45
C THR B 23 12.11 -21.33 -1.19
N ASN B 24 11.48 -22.42 -0.72
CA ASN B 24 10.29 -22.97 -1.39
C ASN B 24 9.10 -21.98 -1.42
N GLU B 25 9.12 -21.00 -0.51
CA GLU B 25 8.14 -19.91 -0.49
C GLU B 25 8.25 -18.99 -1.74
N THR B 26 7.25 -19.03 -2.64
CA THR B 26 7.39 -18.48 -4.00
C THR B 26 6.72 -17.12 -4.28
N VAL B 27 7.00 -16.60 -5.49
CA VAL B 27 6.65 -15.25 -5.93
C VAL B 27 5.89 -15.26 -7.24
N LYS B 28 4.61 -14.92 -7.16
CA LYS B 28 3.69 -14.91 -8.32
C LYS B 28 3.56 -13.48 -8.79
N THR B 29 3.83 -13.24 -10.08
CA THR B 29 3.65 -11.91 -10.63
C THR B 29 2.25 -11.77 -11.23
N LEU B 30 1.43 -10.94 -10.58
CA LEU B 30 0.06 -10.65 -11.09
C LEU B 30 0.06 -9.79 -12.33
N LEU B 31 -0.97 -9.96 -13.14
CA LEU B 31 -1.14 -9.23 -14.38
C LEU B 31 -1.86 -7.93 -14.07
N PRO B 32 -1.32 -6.81 -14.52
CA PRO B 32 -2.02 -5.55 -14.21
C PRO B 32 -3.21 -5.34 -15.13
N TYR B 33 -4.21 -4.62 -14.67
CA TYR B 33 -5.34 -4.29 -15.51
C TYR B 33 -4.87 -3.43 -16.69
N GLY B 34 -5.44 -3.63 -17.87
CA GLY B 34 -4.94 -2.90 -19.05
C GLY B 34 -5.49 -1.49 -19.14
N SER B 35 -6.62 -1.27 -18.46
CA SER B 35 -7.39 -0.06 -18.56
C SER B 35 -7.78 0.36 -17.17
N VAL B 36 -7.19 1.45 -16.70
CA VAL B 36 -7.42 1.93 -15.33
C VAL B 36 -7.75 3.43 -15.31
N ILE B 37 -8.82 3.76 -14.60
CA ILE B 37 -9.12 5.14 -14.23
C ILE B 37 -8.96 5.27 -12.72
N ASN B 38 -8.27 6.33 -12.32
CA ASN B 38 -8.17 6.75 -10.95
C ASN B 38 -9.13 7.94 -10.81
N TYR B 39 -10.11 7.78 -9.92
CA TYR B 39 -11.08 8.81 -9.64
C TYR B 39 -10.82 9.44 -8.26
N TYR B 40 -10.45 10.72 -8.30
CA TYR B 40 -10.16 11.48 -7.10
C TYR B 40 -11.41 12.23 -6.66
N GLY B 41 -11.88 11.91 -5.46
CA GLY B 41 -13.10 12.51 -4.92
C GLY B 41 -12.87 13.14 -3.56
N TYR B 42 -13.93 13.70 -3.02
CA TYR B 42 -13.88 14.35 -1.72
C TYR B 42 -15.25 14.35 -1.12
N VAL B 43 -15.38 13.81 0.09
CA VAL B 43 -16.63 13.81 0.77
C VAL B 43 -16.57 14.90 1.81
N LYS B 44 -17.41 15.92 1.63
CA LYS B 44 -17.39 17.10 2.48
C LYS B 44 -17.94 16.69 3.86
N PRO B 45 -17.53 17.40 4.92
CA PRO B 45 -17.96 17.00 6.26
C PRO B 45 -19.45 17.22 6.47
N GLY B 46 -20.12 16.25 7.11
CA GLY B 46 -21.56 16.27 7.29
C GLY B 46 -22.36 16.10 6.01
N GLN B 47 -21.69 15.76 4.92
CA GLN B 47 -22.35 15.51 3.65
C GLN B 47 -23.21 14.29 3.88
N ALA B 48 -24.47 14.38 3.47
CA ALA B 48 -25.41 13.28 3.66
C ALA B 48 -24.98 12.05 2.85
N PRO B 49 -25.17 10.85 3.41
CA PRO B 49 -24.86 9.65 2.66
C PRO B 49 -25.74 9.51 1.42
N ASP B 50 -25.15 8.91 0.39
CA ASP B 50 -25.91 8.48 -0.77
C ASP B 50 -26.83 7.32 -0.38
N GLY B 51 -26.43 6.54 0.62
CA GLY B 51 -27.29 5.48 1.15
C GLY B 51 -26.84 4.91 2.47
N LEU B 52 -27.50 3.81 2.87
CA LEU B 52 -27.15 3.06 4.07
C LEU B 52 -26.71 1.62 3.77
N VAL B 53 -25.67 1.16 4.47
CA VAL B 53 -25.15 -0.19 4.34
C VAL B 53 -25.16 -0.83 5.72
N ASP B 54 -25.47 -2.14 5.77
CA ASP B 54 -25.45 -2.90 7.01
C ASP B 54 -26.31 -2.22 8.07
N GLY B 55 -27.49 -1.77 7.63
CA GLY B 55 -28.46 -1.17 8.52
C GLY B 55 -28.24 0.32 8.78
N ASN B 56 -27.05 0.68 9.23
CA ASN B 56 -26.82 2.01 9.80
C ASN B 56 -25.53 2.71 9.37
N LYS B 57 -24.73 2.08 8.50
CA LYS B 57 -23.45 2.67 8.09
C LYS B 57 -23.66 3.56 6.86
N LYS B 58 -23.09 4.74 6.93
CA LYS B 58 -23.17 5.72 5.86
C LYS B 58 -22.37 5.27 4.65
N ALA B 59 -23.07 5.06 3.54
CA ALA B 59 -22.44 4.63 2.32
C ALA B 59 -22.46 5.78 1.30
N TYR B 60 -21.49 5.74 0.40
CA TYR B 60 -21.34 6.70 -0.66
C TYR B 60 -21.15 5.93 -1.95
N TYR B 61 -21.62 6.52 -3.06
CA TYR B 61 -21.75 5.80 -4.33
C TYR B 61 -20.87 6.40 -5.40
N LEU B 62 -20.21 5.54 -6.17
CA LEU B 62 -19.66 5.89 -7.47
C LEU B 62 -20.32 4.99 -8.52
N TYR B 63 -20.45 5.54 -9.72
CA TYR B 63 -21.11 4.84 -10.82
C TYR B 63 -20.10 4.66 -11.93
N VAL B 64 -20.06 3.45 -12.48
CA VAL B 64 -19.09 3.07 -13.51
C VAL B 64 -19.84 2.53 -14.69
N TRP B 65 -19.52 3.05 -15.88
CA TRP B 65 -20.10 2.59 -17.11
C TRP B 65 -19.09 1.81 -17.90
N ILE B 66 -19.41 0.52 -18.09
CA ILE B 66 -18.58 -0.45 -18.75
C ILE B 66 -19.24 -0.77 -20.10
N PRO B 67 -18.60 -0.33 -21.19
CA PRO B 67 -19.18 -0.32 -22.52
C PRO B 67 -19.07 -1.65 -23.30
N ALA B 68 -18.06 -2.48 -23.02
CA ALA B 68 -17.91 -3.78 -23.64
C ALA B 68 -17.87 -4.85 -22.52
N VAL B 69 -17.94 -6.12 -22.92
CA VAL B 69 -17.90 -7.22 -21.97
C VAL B 69 -16.46 -7.35 -21.46
N ILE B 70 -16.29 -7.72 -20.20
CA ILE B 70 -14.96 -7.80 -19.62
C ILE B 70 -14.68 -9.15 -18.94
N ALA B 71 -13.39 -9.38 -18.72
CA ALA B 71 -12.87 -10.55 -18.02
C ALA B 71 -12.89 -10.31 -16.51
N GLU B 72 -12.66 -9.05 -16.10
CA GLU B 72 -12.62 -8.69 -14.69
C GLU B 72 -12.69 -7.16 -14.43
N MSE B 73 -13.25 -6.79 -13.28
CA MSE B 73 -13.14 -5.44 -12.78
C MSE B 73 -12.50 -5.45 -11.41
O MSE B 73 -12.96 -6.17 -10.53
CB MSE B 73 -14.50 -4.72 -12.67
CG MSE B 73 -14.42 -3.25 -12.21
SE MSE B 73 -16.19 -2.45 -12.11
CE MSE B 73 -17.04 -3.59 -10.77
N GLY B 74 -11.47 -4.61 -11.25
CA GLY B 74 -10.81 -4.41 -9.95
C GLY B 74 -11.04 -3.01 -9.40
N VAL B 75 -11.27 -2.93 -8.08
CA VAL B 75 -11.58 -1.68 -7.36
C VAL B 75 -10.75 -1.52 -6.08
N ARG B 76 -10.00 -0.43 -6.03
CA ARG B 76 -9.20 -0.07 -4.89
C ARG B 76 -9.61 1.27 -4.33
N MSE B 77 -9.69 1.36 -3.00
CA MSE B 77 -9.99 2.62 -2.31
C MSE B 77 -8.80 2.99 -1.45
O MSE B 77 -8.39 2.23 -0.58
CB MSE B 77 -11.25 2.49 -1.45
CG MSE B 77 -11.59 3.74 -0.65
SE MSE B 77 -12.15 5.17 -1.84
CE MSE B 77 -13.77 4.36 -2.66
N ILE B 78 -8.24 4.15 -1.74
CA ILE B 78 -7.12 4.70 -1.01
C ILE B 78 -7.54 6.03 -0.46
N SER B 79 -7.22 6.29 0.82
CA SER B 79 -7.55 7.58 1.41
C SER B 79 -6.61 7.84 2.59
N PRO B 80 -6.28 9.12 2.86
CA PRO B 80 -6.58 10.29 2.00
C PRO B 80 -5.59 10.33 0.81
N THR B 81 -5.67 11.37 -0.01
CA THR B 81 -4.80 11.40 -1.17
C THR B 81 -3.67 12.40 -1.02
N GLY B 82 -3.84 13.45 -0.22
CA GLY B 82 -3.04 14.64 -0.38
C GLY B 82 -3.29 15.35 -1.72
N GLU B 83 -2.48 16.35 -2.01
CA GLU B 83 -2.56 17.08 -3.29
C GLU B 83 -1.91 16.23 -4.36
N ILE B 84 -2.41 16.29 -5.58
CA ILE B 84 -1.78 15.52 -6.67
C ILE B 84 -1.32 16.39 -7.82
N GLY B 85 -1.58 17.69 -7.74
CA GLY B 85 -1.30 18.56 -8.84
C GLY B 85 -2.20 18.27 -10.03
N GLU B 86 -1.65 18.53 -11.22
CA GLU B 86 -2.39 18.37 -12.47
C GLU B 86 -2.66 16.88 -12.76
N PRO B 87 -3.95 16.53 -12.96
CA PRO B 87 -4.26 15.12 -13.22
C PRO B 87 -3.61 14.63 -14.49
N GLY B 88 -3.23 13.36 -14.53
CA GLY B 88 -2.71 12.71 -15.73
C GLY B 88 -3.83 12.12 -16.57
N ASP B 89 -3.44 11.50 -17.69
CA ASP B 89 -4.40 10.91 -18.63
C ASP B 89 -5.28 9.82 -17.99
N GLY B 90 -4.75 9.11 -16.99
CA GLY B 90 -5.54 8.09 -16.31
C GLY B 90 -6.38 8.57 -15.13
N ASP B 91 -6.39 9.89 -14.90
CA ASP B 91 -6.95 10.45 -13.68
C ASP B 91 -8.21 11.25 -13.95
N LEU B 92 -9.17 11.19 -13.04
CA LEU B 92 -10.35 12.05 -13.08
C LEU B 92 -10.53 12.72 -11.74
N VAL B 93 -10.90 14.00 -11.75
CA VAL B 93 -11.01 14.72 -10.49
C VAL B 93 -12.40 15.34 -10.30
N SER B 94 -13.11 14.90 -9.28
CA SER B 94 -14.32 15.48 -8.73
C SER B 94 -14.22 17.02 -8.56
N ASP B 95 -15.34 17.71 -8.64
CA ASP B 95 -15.36 19.14 -8.41
C ASP B 95 -14.97 19.40 -6.97
N ALA B 96 -15.60 18.67 -6.05
CA ALA B 96 -15.31 18.76 -4.63
C ALA B 96 -13.79 18.58 -4.31
N PHE B 97 -13.20 17.65 -5.06
CA PHE B 97 -11.79 17.42 -4.92
C PHE B 97 -10.95 18.60 -5.40
N LYS B 98 -11.37 19.23 -6.50
CA LYS B 98 -10.66 20.41 -6.96
C LYS B 98 -10.74 21.50 -5.90
N ALA B 99 -11.99 21.79 -5.46
CA ALA B 99 -12.28 22.91 -4.54
C ALA B 99 -11.62 22.68 -3.13
N ALA B 100 -11.37 21.43 -2.79
CA ALA B 100 -10.70 21.08 -1.54
C ALA B 100 -9.24 21.60 -1.43
N THR B 101 -8.91 22.13 -0.26
CA THR B 101 -7.58 22.66 -0.02
C THR B 101 -6.57 21.52 0.22
N PRO B 102 -5.26 21.80 0.02
CA PRO B 102 -4.22 20.81 0.28
C PRO B 102 -4.31 20.19 1.67
N GLU B 103 -4.54 21.03 2.65
CA GLU B 103 -4.78 20.61 4.00
C GLU B 103 -5.94 19.66 4.13
N GLU B 104 -7.06 20.04 3.55
CA GLU B 104 -8.28 19.22 3.58
C GLU B 104 -8.05 17.82 2.95
N LYS B 105 -7.26 17.82 1.87
CA LYS B 105 -6.89 16.62 1.13
C LYS B 105 -5.91 15.74 1.87
N SER B 106 -5.20 16.32 2.84
CA SER B 106 -4.15 15.63 3.56
C SER B 106 -4.59 15.15 4.96
N MSE B 107 -5.83 15.40 5.34
CA MSE B 107 -6.35 14.93 6.64
C MSE B 107 -6.87 13.52 6.44
O MSE B 107 -7.71 13.26 5.56
CB MSE B 107 -7.48 15.85 7.13
CG MSE B 107 -7.98 15.60 8.55
SE MSE B 107 -6.56 15.61 9.88
CE MSE B 107 -7.32 14.42 11.23
N PRO B 108 -6.35 12.57 7.21
CA PRO B 108 -6.90 11.20 7.21
C PRO B 108 -8.19 11.12 8.00
N HIS B 109 -9.11 10.29 7.55
CA HIS B 109 -10.42 10.14 8.20
C HIS B 109 -10.79 8.67 8.41
N TRP B 110 -10.45 7.81 7.47
CA TRP B 110 -10.72 6.38 7.69
C TRP B 110 -9.66 5.51 7.02
N PHE B 111 -9.68 4.22 7.35
CA PHE B 111 -8.67 3.32 6.78
C PHE B 111 -9.16 1.98 6.16
N ASP B 112 -10.22 1.40 6.71
CA ASP B 112 -10.69 0.12 6.23
C ASP B 112 -12.03 0.33 5.48
N THR B 113 -12.02 0.05 4.19
CA THR B 113 -13.24 0.27 3.38
C THR B 113 -14.04 -0.98 3.13
N TRP B 114 -15.34 -0.89 3.34
CA TRP B 114 -16.30 -1.95 2.97
C TRP B 114 -16.82 -1.53 1.59
N ILE B 115 -16.56 -2.37 0.60
CA ILE B 115 -16.90 -2.08 -0.77
C ILE B 115 -17.90 -3.13 -1.26
N ARG B 116 -18.98 -2.61 -1.82
CA ARG B 116 -19.98 -3.41 -2.48
C ARG B 116 -20.11 -2.93 -3.96
N VAL B 117 -20.24 -3.87 -4.87
CA VAL B 117 -20.47 -3.57 -6.28
C VAL B 117 -21.75 -4.25 -6.76
N GLU B 118 -22.59 -3.47 -7.42
CA GLU B 118 -23.91 -3.92 -7.89
C GLU B 118 -24.16 -3.40 -9.29
N ARG B 119 -24.63 -4.27 -10.15
CA ARG B 119 -25.03 -3.89 -11.48
C ARG B 119 -26.43 -3.29 -11.37
N MSE B 120 -26.65 -2.23 -12.13
CA MSE B 120 -27.94 -1.55 -12.18
C MSE B 120 -28.73 -1.91 -13.44
O MSE B 120 -28.16 -2.44 -14.40
CB MSE B 120 -27.69 -0.04 -12.12
CG MSE B 120 -26.81 0.40 -10.96
SE MSE B 120 -27.52 -0.14 -9.20
CE MSE B 120 -28.68 1.38 -8.78
N SER B 121 -30.05 -1.61 -13.40
CA SER B 121 -31.04 -1.92 -14.48
C SER B 121 -30.92 -1.07 -15.73
N ALA B 122 -29.77 -1.03 -16.39
CA ALA B 122 -29.58 -0.05 -17.47
C ALA B 122 -28.90 -0.69 -18.65
N ILE B 123 -29.69 -0.90 -19.70
CA ILE B 123 -29.19 -1.53 -20.92
C ILE B 123 -28.49 -0.48 -21.79
N MSE B 124 -28.83 0.80 -21.57
CA MSE B 124 -28.41 1.90 -22.46
C MSE B 124 -27.97 3.17 -21.67
O MSE B 124 -28.60 3.50 -20.66
CB MSE B 124 -29.56 2.24 -23.41
CG MSE B 124 -30.94 2.37 -22.76
SE MSE B 124 -32.41 2.60 -24.04
CE MSE B 124 -33.59 1.27 -23.23
N PRO B 125 -26.91 3.88 -22.14
CA PRO B 125 -26.44 5.12 -21.52
C PRO B 125 -27.57 6.01 -21.02
N ASP B 126 -28.63 6.10 -21.81
N ASP B 126 -28.60 6.13 -21.87
CA ASP B 126 -29.74 6.99 -21.56
CA ASP B 126 -29.84 6.89 -21.66
C ASP B 126 -30.64 6.55 -20.39
C ASP B 126 -30.60 6.55 -20.37
N GLN B 127 -30.45 5.31 -19.90
CA GLN B 127 -31.16 4.81 -18.67
C GLN B 127 -30.41 5.07 -17.34
N ILE B 128 -29.18 5.56 -17.44
CA ILE B 128 -28.25 5.64 -16.31
C ILE B 128 -28.86 6.35 -15.08
N ALA B 129 -29.34 7.58 -15.26
CA ALA B 129 -29.86 8.38 -14.15
C ALA B 129 -31.09 7.75 -13.47
N LYS B 130 -31.97 7.16 -14.27
CA LYS B 130 -33.16 6.50 -13.73
C LYS B 130 -32.76 5.14 -13.16
N ALA B 131 -31.88 4.43 -13.86
CA ALA B 131 -31.25 3.20 -13.29
C ALA B 131 -30.66 3.47 -11.89
N ALA B 132 -29.99 4.61 -11.72
CA ALA B 132 -29.41 4.99 -10.43
C ALA B 132 -30.51 5.19 -9.36
N LYS B 133 -31.63 5.80 -9.76
CA LYS B 133 -32.77 5.95 -8.84
C LYS B 133 -33.43 4.59 -8.58
N ALA B 134 -33.30 3.69 -9.55
CA ALA B 134 -33.92 2.37 -9.47
C ALA B 134 -33.08 1.42 -8.60
N LYS B 135 -33.72 0.35 -8.16
CA LYS B 135 -33.02 -0.73 -7.46
C LYS B 135 -31.98 -1.40 -8.41
N PRO B 136 -30.88 -1.91 -7.83
CA PRO B 136 -29.97 -2.71 -8.63
C PRO B 136 -30.66 -4.00 -9.11
N VAL B 137 -30.14 -4.59 -10.17
CA VAL B 137 -30.56 -5.91 -10.62
C VAL B 137 -30.62 -6.91 -9.45
N GLN B 138 -31.70 -7.67 -9.39
CA GLN B 138 -31.97 -8.61 -8.28
C GLN B 138 -31.81 -10.07 -8.75
N ASP B 145 -26.80 -16.00 -9.34
CA ASP B 145 -26.07 -14.90 -10.01
C ASP B 145 -24.58 -14.81 -9.55
N GLY B 146 -23.79 -14.04 -10.27
CA GLY B 146 -22.36 -13.93 -10.00
C GLY B 146 -21.95 -12.50 -9.77
N ASP B 147 -20.63 -12.28 -9.77
CA ASP B 147 -20.00 -11.02 -9.40
C ASP B 147 -20.45 -9.80 -10.23
N ASP B 148 -20.80 -10.02 -11.49
CA ASP B 148 -21.22 -8.91 -12.34
C ASP B 148 -22.67 -8.52 -12.05
N THR B 149 -23.29 -9.13 -11.05
CA THR B 149 -24.54 -8.59 -10.55
C THR B 149 -24.39 -8.03 -9.13
N TYR B 150 -23.66 -8.76 -8.29
CA TYR B 150 -23.41 -8.37 -6.90
C TYR B 150 -22.08 -8.93 -6.40
N LYS B 151 -21.41 -8.16 -5.55
CA LYS B 151 -20.12 -8.55 -4.94
C LYS B 151 -19.78 -7.59 -3.81
N GLU B 152 -19.22 -8.14 -2.76
CA GLU B 152 -18.92 -7.38 -1.57
C GLU B 152 -17.65 -7.89 -0.93
N GLU B 153 -16.72 -6.95 -0.65
CA GLU B 153 -15.63 -7.18 0.29
C GLU B 153 -15.79 -6.23 1.49
N ARG B 154 -15.99 -6.82 2.67
CA ARG B 154 -16.28 -6.05 3.88
C ARG B 154 -15.02 -5.35 4.43
N HIS B 155 -13.84 -5.89 4.10
CA HIS B 155 -12.59 -5.27 4.53
C HIS B 155 -11.64 -5.04 3.38
N ASN B 156 -11.18 -3.81 3.24
CA ASN B 156 -10.21 -3.40 2.22
C ASN B 156 -9.23 -2.48 2.93
N LYS B 157 -8.08 -3.03 3.31
CA LYS B 157 -7.02 -2.28 3.98
C LYS B 157 -5.75 -2.34 3.13
N TYR B 158 -4.87 -1.39 3.40
CA TYR B 158 -3.51 -1.42 2.92
C TYR B 158 -3.45 -1.54 1.40
N ASN B 159 -4.39 -0.91 0.70
CA ASN B 159 -4.40 -0.88 -0.75
C ASN B 159 -4.86 -2.22 -1.40
N SER B 160 -5.51 -3.08 -0.64
CA SER B 160 -6.11 -4.29 -1.24
C SER B 160 -7.30 -3.97 -2.16
N LEU B 161 -7.72 -4.94 -2.97
CA LEU B 161 -8.79 -4.73 -3.95
C LEU B 161 -10.05 -5.51 -3.68
N THR B 162 -11.14 -4.99 -4.24
CA THR B 162 -12.35 -5.74 -4.40
C THR B 162 -12.43 -6.04 -5.91
N ARG B 163 -12.63 -7.30 -6.25
CA ARG B 163 -12.64 -7.73 -7.65
C ARG B 163 -13.94 -8.42 -8.03
N ILE B 164 -14.36 -8.16 -9.26
CA ILE B 164 -15.52 -8.76 -9.89
C ILE B 164 -14.96 -9.67 -10.95
N LYS B 165 -15.17 -10.97 -10.75
CA LYS B 165 -14.51 -12.00 -11.53
C LYS B 165 -15.53 -12.85 -12.25
N ILE B 166 -15.12 -13.44 -13.35
CA ILE B 166 -15.93 -14.46 -13.99
C ILE B 166 -15.92 -15.70 -13.09
N PRO B 167 -16.97 -16.50 -13.13
CA PRO B 167 -16.93 -17.79 -12.43
C PRO B 167 -15.88 -18.73 -13.04
N ASN B 168 -15.26 -19.56 -12.21
CA ASN B 168 -14.27 -20.52 -12.68
C ASN B 168 -13.21 -19.93 -13.61
N PRO B 169 -12.50 -18.90 -13.16
CA PRO B 169 -11.49 -18.33 -14.02
C PRO B 169 -10.27 -19.26 -14.12
N PRO B 170 -9.60 -19.32 -15.29
CA PRO B 170 -8.40 -20.16 -15.37
C PRO B 170 -7.17 -19.46 -14.73
N LYS B 171 -6.11 -20.22 -14.45
CA LYS B 171 -4.88 -19.63 -13.90
C LYS B 171 -4.16 -18.74 -14.93
N SER B 172 -4.08 -19.25 -16.16
CA SER B 172 -3.44 -18.53 -17.25
C SER B 172 -4.43 -17.55 -17.85
N PHE B 173 -4.14 -16.26 -17.72
CA PHE B 173 -4.83 -15.21 -18.45
C PHE B 173 -5.04 -15.56 -19.93
N ASP B 174 -4.05 -16.22 -20.52
CA ASP B 174 -4.12 -16.55 -21.93
C ASP B 174 -5.21 -17.57 -22.26
N ASP B 175 -5.61 -18.37 -21.28
CA ASP B 175 -6.76 -19.27 -21.47
C ASP B 175 -8.12 -18.54 -21.58
N LEU B 176 -8.16 -17.23 -21.39
CA LEU B 176 -9.36 -16.43 -21.68
C LEU B 176 -9.60 -16.21 -23.18
N LYS B 177 -8.65 -16.62 -24.03
CA LYS B 177 -8.82 -16.61 -25.47
C LYS B 177 -10.00 -17.49 -25.85
N ASN B 178 -10.16 -18.56 -25.07
CA ASN B 178 -11.10 -19.62 -25.38
C ASN B 178 -12.49 -19.28 -24.88
N ILE B 179 -12.56 -18.46 -23.84
CA ILE B 179 -13.81 -18.23 -23.11
C ILE B 179 -15.05 -17.92 -23.94
N ASP B 180 -16.17 -18.47 -23.50
CA ASP B 180 -17.45 -18.19 -24.08
C ASP B 180 -17.92 -16.82 -23.61
N THR B 181 -18.46 -16.05 -24.55
CA THR B 181 -18.96 -14.71 -24.30
C THR B 181 -19.92 -14.69 -23.12
N LYS B 182 -20.76 -15.71 -23.04
CA LYS B 182 -21.77 -15.79 -22.02
C LYS B 182 -21.21 -15.98 -20.62
N LYS B 183 -19.94 -16.33 -20.50
CA LYS B 183 -19.29 -16.38 -19.21
C LYS B 183 -18.65 -15.02 -18.78
N LEU B 184 -18.45 -14.11 -19.72
CA LEU B 184 -17.84 -12.84 -19.42
C LEU B 184 -18.79 -11.91 -18.69
N LEU B 185 -18.23 -10.88 -18.08
CA LEU B 185 -19.01 -9.91 -17.35
C LEU B 185 -19.67 -8.98 -18.35
N VAL B 186 -20.93 -8.66 -18.09
CA VAL B 186 -21.70 -7.90 -19.07
C VAL B 186 -21.46 -6.39 -19.04
N ARG B 187 -21.44 -5.80 -20.23
CA ARG B 187 -21.57 -4.37 -20.39
C ARG B 187 -22.67 -3.83 -19.47
N GLY B 188 -22.43 -2.68 -18.87
CA GLY B 188 -23.52 -2.01 -18.17
C GLY B 188 -23.06 -0.98 -17.18
N LEU B 189 -23.97 -0.65 -16.28
CA LEU B 189 -23.79 0.36 -15.26
C LEU B 189 -23.65 -0.37 -13.93
N TYR B 190 -22.52 -0.12 -13.26
CA TYR B 190 -22.24 -0.74 -11.98
C TYR B 190 -22.13 0.35 -10.91
N ARG B 191 -22.70 0.10 -9.74
CA ARG B 191 -22.60 1.01 -8.62
C ARG B 191 -21.66 0.46 -7.56
N ILE B 192 -20.66 1.25 -7.22
CA ILE B 192 -19.73 0.97 -6.10
C ILE B 192 -20.25 1.71 -4.88
N SER B 193 -20.55 0.96 -3.81
CA SER B 193 -20.91 1.52 -2.53
C SER B 193 -19.71 1.35 -1.62
N PHE B 194 -19.36 2.40 -0.89
CA PHE B 194 -18.28 2.29 0.04
C PHE B 194 -18.64 2.89 1.39
N THR B 195 -18.21 2.18 2.43
CA THR B 195 -18.43 2.61 3.79
C THR B 195 -17.24 2.20 4.67
N THR B 196 -17.35 2.49 5.96
CA THR B 196 -16.30 2.12 6.91
C THR B 196 -16.88 1.77 8.27
N TYR B 197 -15.98 1.44 9.18
CA TYR B 197 -16.33 1.08 10.55
C TYR B 197 -15.90 2.21 11.44
N LYS B 198 -16.62 2.48 12.51
CA LYS B 198 -16.06 3.39 13.52
C LYS B 198 -14.80 2.79 14.21
N PRO B 199 -13.84 3.66 14.62
CA PRO B 199 -13.93 5.12 14.81
C PRO B 199 -13.72 5.94 13.54
N GLY B 200 -13.54 5.29 12.41
CA GLY B 200 -13.49 5.98 11.12
C GLY B 200 -14.84 6.47 10.61
N GLU B 201 -14.77 7.46 9.74
CA GLU B 201 -15.94 7.92 8.98
C GLU B 201 -15.50 8.17 7.55
N VAL B 202 -16.41 7.94 6.61
CA VAL B 202 -16.08 8.25 5.22
C VAL B 202 -16.21 9.75 5.03
N LYS B 203 -15.04 10.35 4.80
CA LYS B 203 -14.92 11.74 4.49
C LYS B 203 -13.51 12.15 4.14
N GLY B 204 -13.42 13.35 3.58
CA GLY B 204 -12.18 13.86 3.05
C GLY B 204 -11.87 13.28 1.68
N SER B 205 -10.61 13.38 1.27
CA SER B 205 -10.15 12.91 -0.04
C SER B 205 -10.06 11.38 -0.13
N PHE B 206 -10.16 10.91 -1.36
CA PHE B 206 -9.96 9.51 -1.67
C PHE B 206 -9.74 9.34 -3.17
N VAL B 207 -9.11 8.24 -3.55
CA VAL B 207 -9.05 7.88 -4.94
C VAL B 207 -9.46 6.44 -5.12
N ALA B 208 -10.48 6.28 -5.96
CA ALA B 208 -10.98 4.95 -6.38
C ALA B 208 -10.32 4.67 -7.72
N SER B 209 -9.41 3.71 -7.70
CA SER B 209 -8.88 3.14 -8.92
C SER B 209 -9.76 1.97 -9.36
N VAL B 210 -10.21 2.05 -10.61
CA VAL B 210 -11.00 1.02 -11.25
C VAL B 210 -10.26 0.54 -12.50
N GLY B 211 -10.04 -0.78 -12.57
CA GLY B 211 -9.28 -1.40 -13.64
C GLY B 211 -10.14 -2.46 -14.31
N LEU B 212 -10.09 -2.50 -15.64
CA LEU B 212 -10.74 -3.54 -16.42
C LEU B 212 -9.72 -4.44 -17.07
N LEU B 213 -10.05 -5.73 -17.12
CA LEU B 213 -9.25 -6.70 -17.84
C LEU B 213 -10.09 -7.21 -19.01
N PHE B 214 -9.51 -7.14 -20.20
CA PHE B 214 -10.17 -7.70 -21.36
C PHE B 214 -9.49 -8.97 -21.73
N PRO B 215 -10.23 -9.88 -22.38
CA PRO B 215 -9.57 -11.09 -22.78
C PRO B 215 -8.42 -10.80 -23.74
N PRO B 216 -7.44 -11.70 -23.81
CA PRO B 216 -6.26 -11.50 -24.62
C PRO B 216 -6.62 -11.15 -26.07
N GLY B 217 -6.08 -10.05 -26.57
CA GLY B 217 -6.21 -9.65 -27.96
C GLY B 217 -7.22 -8.55 -28.15
N ILE B 218 -7.94 -8.20 -27.08
CA ILE B 218 -8.98 -7.19 -27.16
C ILE B 218 -8.38 -5.92 -26.59
N PRO B 219 -8.12 -4.92 -27.45
CA PRO B 219 -7.56 -3.69 -26.89
C PRO B 219 -8.70 -3.00 -26.15
N GLY B 220 -8.49 -2.73 -24.88
CA GLY B 220 -9.58 -2.27 -24.04
C GLY B 220 -10.10 -0.88 -24.32
N VAL B 221 -11.14 -0.54 -23.58
CA VAL B 221 -11.69 0.79 -23.54
C VAL B 221 -11.69 1.16 -22.07
N SER B 222 -11.55 2.44 -21.78
CA SER B 222 -11.53 2.89 -20.41
C SER B 222 -12.93 2.94 -19.85
N PRO B 223 -13.09 2.65 -18.56
CA PRO B 223 -14.38 2.86 -17.92
C PRO B 223 -14.69 4.35 -17.78
N LEU B 224 -15.97 4.69 -17.73
CA LEU B 224 -16.42 6.02 -17.39
C LEU B 224 -16.96 5.93 -15.96
N ILE B 225 -16.55 6.90 -15.14
CA ILE B 225 -16.79 6.88 -13.71
C ILE B 225 -17.18 8.29 -13.28
N HIS B 226 -18.23 8.37 -12.47
CA HIS B 226 -18.58 9.61 -11.83
C HIS B 226 -19.47 9.33 -10.63
N SER B 227 -19.45 10.24 -9.67
CA SER B 227 -20.25 10.09 -8.45
C SER B 227 -21.65 10.62 -8.70
N ASN B 228 -21.79 11.37 -9.78
CA ASN B 228 -23.05 11.92 -10.20
C ASN B 228 -23.62 11.20 -11.46
N PRO B 229 -24.72 10.46 -11.28
CA PRO B 229 -25.27 9.65 -12.38
C PRO B 229 -25.75 10.45 -13.60
N GLU B 230 -26.30 11.65 -13.37
CA GLU B 230 -26.64 12.52 -14.49
C GLU B 230 -25.38 12.92 -15.28
N GLU B 231 -24.31 13.24 -14.60
CA GLU B 231 -23.11 13.66 -15.32
C GLU B 231 -22.42 12.52 -16.04
N LEU B 232 -22.38 11.36 -15.41
CA LEU B 232 -21.87 10.14 -16.07
C LEU B 232 -22.72 9.84 -17.28
N GLN B 233 -24.04 9.90 -17.11
CA GLN B 233 -24.97 9.65 -18.23
C GLN B 233 -24.69 10.53 -19.46
N LYS B 234 -24.51 11.83 -19.22
CA LYS B 234 -24.10 12.76 -20.26
C LYS B 234 -22.80 12.28 -20.91
N GLN B 235 -21.83 11.91 -20.07
CA GLN B 235 -20.55 11.43 -20.57
C GLN B 235 -20.79 10.18 -21.40
N ALA B 236 -21.67 9.30 -20.90
CA ALA B 236 -21.99 8.03 -21.57
C ALA B 236 -22.84 8.26 -22.84
N ILE B 237 -23.89 9.05 -22.75
CA ILE B 237 -24.64 9.46 -23.97
C ILE B 237 -23.71 10.04 -25.02
N ALA B 238 -22.85 10.97 -24.61
CA ALA B 238 -21.89 11.61 -25.52
C ALA B 238 -20.86 10.59 -26.00
N ALA B 239 -20.48 9.70 -25.09
CA ALA B 239 -19.51 8.64 -25.36
C ALA B 239 -19.88 7.82 -26.61
N GLU B 240 -21.17 7.48 -26.73
CA GLU B 240 -21.64 6.52 -27.74
C GLU B 240 -21.83 7.15 -29.14
N GLU B 241 -22.00 8.46 -29.18
CA GLU B 241 -22.25 9.21 -30.42
C GLU B 241 -21.09 10.16 -30.76
N SER B 242 -19.86 9.69 -30.60
CA SER B 242 -18.66 10.47 -30.89
C SER B 242 -17.73 9.71 -31.84
O1 211 C . 4.09 20.27 9.39
O2 211 C . 6.42 20.56 3.55
C1 211 C . 4.28 21.17 7.08
C2 211 C . 4.92 20.47 8.26
O3 211 C . 3.77 24.69 7.64
C3 211 C . 6.50 21.20 5.93
C4 211 C . 6.87 21.54 4.49
C5 211 C . 5.59 23.27 6.87
C6 211 C . 4.47 24.24 6.47
N1 211 C . 5.28 21.94 6.28
C1 OXL D . 6.94 2.92 19.56
C2 OXL D . 6.48 1.57 20.09
O1 OXL D . 6.46 4.08 19.83
O2 OXL D . 5.32 1.16 20.45
O3 OXL D . 7.93 2.97 18.77
O4 OXL D . 7.40 0.69 20.17
CL CL E . 31.45 -7.86 8.87
C1 OXL F . -17.14 13.01 -4.84
C2 OXL F . -18.04 12.17 -4.01
O1 OXL F . -16.90 14.20 -4.50
O2 OXL F . -18.03 10.90 -4.05
O3 OXL F . -16.61 12.59 -5.89
O4 OXL F . -18.84 12.75 -3.24
#